data_8RF3
#
_entry.id   8RF3
#
_cell.length_a   36.821
_cell.length_b   36.821
_cell.length_c   140.777
_cell.angle_alpha   90.00
_cell.angle_beta   90.00
_cell.angle_gamma   90.00
#
_symmetry.space_group_name_H-M   'P 43 21 2'
#
loop_
_entity.id
_entity.type
_entity.pdbx_description
1 polymer 'Host translation inhibitor nsp1'
2 non-polymer '2-(1-benzothiophen-3-yl)ethanoic acid'
3 water water
#
_entity_poly.entity_id   1
_entity_poly.type   'polypeptide(L)'
_entity_poly.pdbx_seq_one_letter_code
;MEKTHVQLSLPVLQVRDVLVRGFGDSVEEVLSEARQHLKDGTCGLVEVEKGVLPQLEQPYVFIKRSDARTAPHGHVMVEL
VAELEGIQYGRSGETLGVLVPHVGEIPVAYRKVLLRKN
;
_entity_poly.pdbx_strand_id   A
#
# COMPACT_ATOMS: atom_id res chain seq x y z
N MET A 1 -7.56 22.13 3.16
CA MET A 1 -7.67 20.91 3.96
C MET A 1 -7.15 19.71 3.19
N GLU A 2 -7.70 18.54 3.49
CA GLU A 2 -7.28 17.29 2.85
C GLU A 2 -8.07 17.09 1.57
N LYS A 3 -7.36 17.10 0.45
CA LYS A 3 -7.95 16.81 -0.85
C LYS A 3 -8.36 15.35 -0.87
N THR A 4 -9.24 14.99 -1.81
CA THR A 4 -9.68 13.59 -1.89
C THR A 4 -8.57 12.65 -2.35
N HIS A 5 -7.61 13.14 -3.16
CA HIS A 5 -6.53 12.30 -3.64
C HIS A 5 -5.24 13.05 -3.44
N VAL A 6 -4.14 12.31 -3.24
CA VAL A 6 -2.83 12.93 -3.07
C VAL A 6 -1.82 12.19 -3.92
N GLN A 7 -0.93 12.94 -4.58
CA GLN A 7 0.14 12.37 -5.37
C GLN A 7 1.28 11.96 -4.45
N LEU A 8 1.74 10.72 -4.59
CA LEU A 8 2.81 10.21 -3.76
C LEU A 8 3.73 9.36 -4.63
N SER A 9 5.01 9.37 -4.30
CA SER A 9 5.98 8.43 -4.89
C SER A 9 6.40 7.46 -3.80
N LEU A 10 5.95 6.18 -3.90
CA LEU A 10 6.18 5.21 -2.83
C LEU A 10 7.46 4.41 -3.08
N PRO A 11 8.35 4.27 -2.10
CA PRO A 11 9.51 3.40 -2.28
C PRO A 11 9.11 1.94 -2.33
N VAL A 12 9.65 1.23 -3.32
CA VAL A 12 9.40 -0.20 -3.50
C VAL A 12 10.50 -0.98 -2.79
N LEU A 13 10.12 -1.87 -1.88
CA LEU A 13 11.07 -2.57 -1.02
C LEU A 13 11.09 -4.04 -1.38
N GLN A 14 12.24 -4.67 -1.21
CA GLN A 14 12.30 -6.12 -1.33
CA GLN A 14 12.33 -6.12 -1.32
C GLN A 14 11.82 -6.77 -0.04
N VAL A 15 11.04 -7.85 -0.20
CA VAL A 15 10.38 -8.46 0.94
C VAL A 15 11.38 -8.87 2.03
N ARG A 16 12.54 -9.39 1.65
CA ARG A 16 13.49 -9.86 2.67
C ARG A 16 14.17 -8.73 3.42
N ASP A 17 14.09 -7.49 2.95
CA ASP A 17 14.63 -6.37 3.68
C ASP A 17 13.67 -5.79 4.71
N VAL A 18 12.36 -6.07 4.62
CA VAL A 18 11.37 -5.35 5.42
C VAL A 18 11.52 -5.72 6.89
N LEU A 19 11.64 -4.71 7.74
CA LEU A 19 11.84 -4.97 9.16
C LEU A 19 10.54 -5.05 9.95
N VAL A 20 9.54 -4.25 9.58
CA VAL A 20 8.24 -4.22 10.24
C VAL A 20 7.23 -4.73 9.21
N ARG A 21 6.75 -5.97 9.38
CA ARG A 21 6.15 -6.70 8.28
C ARG A 21 4.63 -6.52 8.18
N GLY A 22 4.05 -5.53 8.85
CA GLY A 22 2.65 -5.20 8.74
C GLY A 22 2.36 -3.98 9.60
N PHE A 23 1.10 -3.57 9.61
CA PHE A 23 0.68 -2.34 10.27
C PHE A 23 -0.08 -2.58 11.57
N GLY A 24 -0.33 -3.80 11.97
CA GLY A 24 -1.13 -3.99 13.16
C GLY A 24 -1.97 -5.24 13.06
N ASP A 25 -3.02 -5.30 13.91
CA ASP A 25 -3.59 -6.58 14.32
C ASP A 25 -5.05 -6.78 13.94
N SER A 26 -5.66 -5.83 13.27
CA SER A 26 -7.05 -5.90 12.87
C SER A 26 -7.19 -5.13 11.57
N VAL A 27 -8.28 -5.37 10.87
CA VAL A 27 -8.52 -4.70 9.59
C VAL A 27 -8.57 -3.18 9.79
N GLU A 28 -9.32 -2.74 10.78
CA GLU A 28 -9.44 -1.31 11.01
C GLU A 28 -8.11 -0.70 11.43
N GLU A 29 -7.31 -1.41 12.23
CA GLU A 29 -6.03 -0.85 12.64
C GLU A 29 -5.09 -0.73 11.46
N VAL A 30 -5.02 -1.77 10.61
CA VAL A 30 -4.02 -1.72 9.54
C VAL A 30 -4.36 -0.64 8.54
N LEU A 31 -5.65 -0.42 8.25
CA LEU A 31 -6.01 0.65 7.34
C LEU A 31 -5.70 2.01 7.94
N SER A 32 -6.00 2.18 9.24
CA SER A 32 -5.70 3.43 9.94
C SER A 32 -4.20 3.73 9.94
N GLU A 33 -3.39 2.73 10.31
CA GLU A 33 -1.96 2.93 10.38
C GLU A 33 -1.36 3.12 9.01
N ALA A 34 -1.86 2.39 8.01
CA ALA A 34 -1.38 2.63 6.65
C ALA A 34 -1.59 4.09 6.25
N ARG A 35 -2.82 4.60 6.49
CA ARG A 35 -3.10 5.99 6.11
CA ARG A 35 -3.10 5.99 6.13
C ARG A 35 -2.20 6.97 6.87
N GLN A 36 -1.93 6.73 8.16
CA GLN A 36 -1.04 7.60 8.92
C GLN A 36 0.39 7.56 8.38
N HIS A 37 0.91 6.38 8.08
CA HIS A 37 2.26 6.30 7.53
C HIS A 37 2.34 6.93 6.13
N LEU A 38 1.28 6.80 5.32
CA LEU A 38 1.27 7.51 4.05
C LEU A 38 1.36 9.01 4.26
N LYS A 39 0.60 9.54 5.23
CA LYS A 39 0.64 10.98 5.51
C LYS A 39 2.01 11.42 6.01
N ASP A 40 2.73 10.54 6.71
CA ASP A 40 4.02 10.87 7.35
C ASP A 40 5.21 10.57 6.44
N GLY A 41 4.98 9.98 5.27
CA GLY A 41 6.08 9.64 4.39
C GLY A 41 6.86 8.43 4.80
N THR A 42 6.26 7.51 5.55
CA THR A 42 6.96 6.38 6.15
C THR A 42 6.27 5.08 5.76
N CYS A 43 5.81 5.01 4.49
CA CYS A 43 5.15 3.81 3.99
C CYS A 43 5.90 3.33 2.75
N GLY A 44 6.14 2.02 2.67
CA GLY A 44 6.73 1.40 1.50
C GLY A 44 5.76 0.44 0.84
N LEU A 45 6.20 -0.09 -0.29
CA LEU A 45 5.38 -0.97 -1.12
C LEU A 45 6.19 -2.19 -1.50
N VAL A 46 5.63 -3.38 -1.31
CA VAL A 46 6.26 -4.62 -1.78
C VAL A 46 5.43 -5.18 -2.91
N GLU A 47 6.07 -5.46 -4.03
CA GLU A 47 5.35 -6.06 -5.15
C GLU A 47 5.07 -7.53 -4.87
N VAL A 48 3.87 -7.99 -5.20
CA VAL A 48 3.44 -9.36 -4.89
C VAL A 48 3.90 -10.32 -5.98
N GLU A 49 4.69 -11.31 -5.57
CA GLU A 49 5.13 -12.48 -6.31
C GLU A 49 4.91 -13.69 -5.41
N LYS A 50 5.07 -14.87 -5.99
CA LYS A 50 5.02 -16.09 -5.19
C LYS A 50 6.00 -16.00 -4.02
N GLY A 51 5.53 -16.35 -2.83
CA GLY A 51 6.34 -16.31 -1.62
C GLY A 51 6.26 -15.03 -0.81
N VAL A 52 5.67 -13.96 -1.35
CA VAL A 52 5.70 -12.68 -0.64
C VAL A 52 4.74 -12.65 0.54
N LEU A 53 3.46 -12.92 0.30
CA LEU A 53 2.50 -12.78 1.38
C LEU A 53 2.80 -13.67 2.59
N PRO A 54 3.26 -14.92 2.43
CA PRO A 54 3.60 -15.74 3.60
C PRO A 54 4.79 -15.21 4.39
N GLN A 55 5.57 -14.28 3.84
CA GLN A 55 6.67 -13.63 4.53
C GLN A 55 6.26 -12.32 5.19
N LEU A 56 5.00 -11.90 5.04
CA LEU A 56 4.50 -10.69 5.67
C LEU A 56 3.43 -11.08 6.67
N GLU A 57 2.95 -10.12 7.46
CA GLU A 57 2.01 -10.39 8.55
C GLU A 57 0.60 -9.92 8.22
N GLN A 58 -0.38 -10.77 8.46
CA GLN A 58 -1.78 -10.40 8.33
C GLN A 58 -2.25 -9.59 9.54
N PRO A 59 -3.31 -8.79 9.38
CA PRO A 59 -3.96 -8.43 8.12
C PRO A 59 -3.06 -7.67 7.14
N TYR A 60 -3.25 -7.88 5.84
CA TYR A 60 -2.50 -7.17 4.80
C TYR A 60 -3.26 -5.93 4.39
N VAL A 61 -2.50 -4.92 3.94
CA VAL A 61 -3.07 -3.76 3.26
C VAL A 61 -2.54 -3.72 1.83
N PHE A 62 -3.45 -3.81 0.86
CA PHE A 62 -3.07 -3.70 -0.54
C PHE A 62 -3.41 -2.33 -1.09
N ILE A 63 -2.61 -1.82 -2.05
CA ILE A 63 -3.08 -0.74 -2.91
C ILE A 63 -3.52 -1.36 -4.21
N LYS A 64 -4.73 -1.00 -4.65
CA LYS A 64 -5.32 -1.56 -5.84
C LYS A 64 -5.77 -0.43 -6.75
N ARG A 65 -5.77 -0.71 -8.05
CA ARG A 65 -6.11 0.32 -9.03
C ARG A 65 -7.60 0.66 -8.93
N SER A 66 -7.92 1.95 -8.83
CA SER A 66 -9.30 2.36 -8.62
C SER A 66 -9.99 2.77 -9.90
N ASP A 67 -9.25 2.78 -10.99
CA ASP A 67 -9.81 3.35 -12.20
C ASP A 67 -8.74 3.05 -13.21
N ALA A 68 -9.12 2.29 -14.24
CA ALA A 68 -8.26 1.92 -15.36
C ALA A 68 -8.65 2.60 -16.65
N ARG A 69 -8.94 3.88 -16.58
CA ARG A 69 -9.12 4.66 -17.79
C ARG A 69 -8.02 5.70 -17.94
N THR A 70 -7.62 6.35 -16.85
CA THR A 70 -6.55 7.34 -16.90
C THR A 70 -5.62 7.20 -15.70
N ALA A 71 -4.42 7.77 -15.85
CA ALA A 71 -3.40 7.89 -14.81
C ALA A 71 -2.84 9.30 -14.82
N PRO A 72 -3.45 10.20 -14.05
CA PRO A 72 -3.17 11.65 -14.19
C PRO A 72 -1.75 12.00 -13.73
N HIS A 73 -1.08 12.87 -14.51
CA HIS A 73 0.27 13.34 -14.21
C HIS A 73 1.26 12.19 -14.05
N GLY A 74 1.01 11.09 -14.76
CA GLY A 74 1.84 9.91 -14.65
C GLY A 74 1.70 9.14 -13.35
N HIS A 75 0.66 9.38 -12.54
CA HIS A 75 0.39 8.65 -11.30
C HIS A 75 -0.86 7.79 -11.44
N VAL A 76 -0.77 6.49 -11.12
CA VAL A 76 -1.94 5.61 -11.23
C VAL A 76 -2.84 5.84 -10.02
N MET A 77 -4.15 5.91 -10.26
CA MET A 77 -5.11 6.11 -9.16
CA MET A 77 -5.11 6.09 -9.16
C MET A 77 -5.32 4.79 -8.42
N VAL A 78 -5.21 4.85 -7.10
CA VAL A 78 -5.26 3.67 -6.26
C VAL A 78 -6.12 3.93 -5.03
N GLU A 79 -6.53 2.84 -4.38
CA GLU A 79 -7.23 2.89 -3.11
CA GLU A 79 -7.22 2.89 -3.11
C GLU A 79 -6.77 1.72 -2.26
N LEU A 80 -7.06 1.78 -0.96
CA LEU A 80 -6.60 0.76 0.00
C LEU A 80 -7.68 -0.29 0.23
N VAL A 81 -7.24 -1.55 0.30
CA VAL A 81 -8.10 -2.70 0.61
C VAL A 81 -7.34 -3.60 1.56
N ALA A 82 -7.97 -4.01 2.66
CA ALA A 82 -7.34 -4.89 3.62
C ALA A 82 -7.81 -6.34 3.44
N GLU A 83 -6.99 -7.28 3.91
CA GLU A 83 -7.30 -8.72 3.81
C GLU A 83 -6.93 -9.41 5.12
N LEU A 84 -7.84 -10.23 5.64
CA LEU A 84 -7.61 -11.03 6.84
C LEU A 84 -8.28 -12.37 6.63
N GLU A 85 -7.49 -13.44 6.75
CA GLU A 85 -8.01 -14.81 6.68
C GLU A 85 -8.79 -15.03 5.40
N GLY A 86 -8.31 -14.45 4.30
CA GLY A 86 -8.87 -14.70 2.99
C GLY A 86 -10.08 -13.88 2.65
N ILE A 87 -10.49 -12.95 3.50
CA ILE A 87 -11.63 -12.07 3.26
C ILE A 87 -11.10 -10.65 3.08
N GLN A 88 -11.65 -9.94 2.10
CA GLN A 88 -11.21 -8.60 1.74
C GLN A 88 -12.25 -7.56 2.13
N TYR A 89 -11.75 -6.44 2.57
CA TYR A 89 -12.54 -5.33 3.12
C TYR A 89 -12.28 -4.18 2.16
N GLY A 90 -13.23 -4.00 1.23
CA GLY A 90 -13.22 -3.22 0.02
C GLY A 90 -13.22 -4.10 -1.23
N ARG A 91 -13.66 -3.53 -2.35
CA ARG A 91 -13.48 -4.17 -3.64
C ARG A 91 -12.85 -3.16 -4.58
N SER A 92 -11.87 -3.59 -5.35
CA SER A 92 -11.13 -2.66 -6.20
C SER A 92 -10.51 -3.42 -7.35
N GLY A 93 -9.60 -2.76 -8.07
CA GLY A 93 -8.98 -3.30 -9.26
C GLY A 93 -7.72 -4.09 -8.95
N GLU A 94 -6.84 -4.17 -9.95
CA GLU A 94 -5.60 -4.94 -9.85
C GLU A 94 -4.70 -4.44 -8.71
N THR A 95 -4.05 -5.39 -8.03
CA THR A 95 -3.12 -5.07 -6.96
C THR A 95 -1.83 -4.53 -7.54
N LEU A 96 -1.37 -3.41 -7.02
CA LEU A 96 -0.05 -2.89 -7.30
C LEU A 96 0.99 -3.37 -6.32
N GLY A 97 0.59 -3.68 -5.09
CA GLY A 97 1.50 -4.23 -4.12
C GLY A 97 0.86 -4.21 -2.75
N VAL A 98 1.65 -4.68 -1.79
CA VAL A 98 1.26 -4.67 -0.37
C VAL A 98 2.02 -3.56 0.34
N LEU A 99 1.32 -2.79 1.16
CA LEU A 99 1.97 -1.70 1.88
C LEU A 99 2.55 -2.17 3.21
N VAL A 100 3.70 -1.62 3.59
CA VAL A 100 4.34 -1.93 4.87
C VAL A 100 4.94 -0.65 5.41
N PRO A 101 5.19 -0.60 6.71
CA PRO A 101 5.98 0.53 7.23
C PRO A 101 7.35 0.57 6.58
N HIS A 102 7.88 1.78 6.41
CA HIS A 102 9.23 2.01 5.90
C HIS A 102 10.06 2.60 7.03
N VAL A 103 11.12 1.90 7.43
CA VAL A 103 11.95 2.32 8.55
C VAL A 103 13.40 2.40 8.11
N GLY A 104 13.65 2.82 6.89
CA GLY A 104 15.02 3.07 6.45
C GLY A 104 15.55 2.07 5.46
N GLU A 105 14.78 1.05 5.09
CA GLU A 105 15.24 0.11 4.07
C GLU A 105 15.52 0.83 2.75
N ILE A 106 16.51 0.34 2.02
CA ILE A 106 16.87 0.93 0.72
C ILE A 106 15.95 0.41 -0.36
N PRO A 107 15.21 1.25 -1.05
CA PRO A 107 14.30 0.77 -2.09
C PRO A 107 15.01 0.37 -3.38
N VAL A 108 14.25 -0.34 -4.23
CA VAL A 108 14.73 -0.73 -5.56
C VAL A 108 14.11 0.09 -6.67
N ALA A 109 13.07 0.86 -6.37
CA ALA A 109 12.35 1.67 -7.36
C ALA A 109 11.35 2.51 -6.60
N TYR A 110 10.64 3.33 -7.36
CA TYR A 110 9.54 4.12 -6.83
C TYR A 110 8.32 3.91 -7.69
N ARG A 111 7.16 3.93 -7.07
CA ARG A 111 5.91 3.74 -7.77
C ARG A 111 5.10 5.01 -7.55
N LYS A 112 4.81 5.74 -8.63
CA LYS A 112 3.98 6.95 -8.54
C LYS A 112 2.52 6.59 -8.49
N VAL A 113 1.81 7.07 -7.45
CA VAL A 113 0.39 6.77 -7.30
C VAL A 113 -0.37 8.04 -6.93
N LEU A 114 -1.64 8.04 -7.26
CA LEU A 114 -2.57 9.08 -6.86
C LEU A 114 -3.54 8.38 -5.91
N LEU A 115 -3.34 8.58 -4.61
CA LEU A 115 -4.01 7.78 -3.61
C LEU A 115 -5.32 8.42 -3.18
N ARG A 116 -6.41 7.65 -3.27
CA ARG A 116 -7.67 8.08 -2.67
C ARG A 116 -7.54 7.97 -1.17
N LYS A 117 -7.61 9.09 -0.45
CA LYS A 117 -7.25 9.06 0.96
C LYS A 117 -8.19 8.15 1.76
N ASN A 118 -9.50 8.37 1.63
CA ASN A 118 -10.48 7.47 2.24
C ASN A 118 -11.27 6.69 1.20
#